data_6BQQ
#
_entry.id   6BQQ
#
_cell.length_a   73.532
_cell.length_b   73.532
_cell.length_c   119.284
_cell.angle_alpha   90.00
_cell.angle_beta   90.00
_cell.angle_gamma   90.00
#
_symmetry.space_group_name_H-M   'P 43 21 2'
#
loop_
_entity.id
_entity.type
_entity.pdbx_description
1 polymer 'Calcium/calmodulin-dependent protein kinase kinase 2'
2 non-polymer 4-{[(7R)-8-cyclopentyl-7-ethyl-5-methyl-6-oxo-5,6,7,8-tetrahydropteridin-2-yl]amino}-3-methoxy-N-(1-methylpiperidin-4-yl)benzamide
3 non-polymer 'ACETATE ION'
4 water water
#
_entity_poly.entity_id   1
_entity_poly.type   'polypeptide(L)'
_entity_poly.pdbx_seq_one_letter_code
;SMQLNQYTLKDEIGKGSYGVVKLAYNENDNTYYAMKVLSKKKLIRQAGFPRRPPPRGTRPAPGGCIQPRGPIEQVYQEIA
ILKKLDHPNVVKLVEVLDDPNEDHLYMVFELVNQGPVMEVPTLKPLSEDQARFYFQDLIKGIEYLHYQKIIHRDIKPSNL
LVGEDGHIKIADFGVSNEFKGSDALLSNTVGTPAFMAPESLSETRKIFSGKALDVWAMGVTLYCFVFGQCPFMDERIMCL
HSKIKSQALEFPDQPDIAEDLKDLITRMLDKNPESRIVVPEIKLHPWVTRH
;
_entity_poly.pdbx_strand_id   A
#
loop_
_chem_comp.id
_chem_comp.type
_chem_comp.name
_chem_comp.formula
ACT non-polymer 'ACETATE ION' 'C2 H3 O2 -1'
R78 non-polymer 4-{[(7R)-8-cyclopentyl-7-ethyl-5-methyl-6-oxo-5,6,7,8-tetrahydropteridin-2-yl]amino}-3-methoxy-N-(1-methylpiperidin-4-yl)benzamide 'C28 H39 N7 O3'
#
# COMPACT_ATOMS: atom_id res chain seq x y z
N SER A 1 17.74 -25.05 -4.18
CA SER A 1 17.87 -23.88 -3.27
C SER A 1 19.26 -23.31 -3.39
N MET A 2 19.49 -22.20 -2.68
CA MET A 2 20.84 -21.68 -2.51
C MET A 2 21.01 -21.09 -1.13
N GLN A 3 22.27 -20.95 -0.74
CA GLN A 3 22.63 -20.42 0.53
C GLN A 3 23.04 -18.96 0.40
N LEU A 4 22.54 -18.15 1.33
CA LEU A 4 22.94 -16.76 1.46
C LEU A 4 23.08 -16.48 2.94
N ASN A 5 24.33 -16.39 3.39
CA ASN A 5 24.65 -16.26 4.82
C ASN A 5 23.92 -17.38 5.59
N GLN A 6 23.09 -17.05 6.57
CA GLN A 6 22.39 -18.07 7.35
C GLN A 6 21.07 -18.54 6.71
N TYR A 7 20.73 -17.98 5.56
CA TYR A 7 19.45 -18.30 4.90
C TYR A 7 19.62 -19.34 3.80
N THR A 8 18.63 -20.23 3.69
CA THR A 8 18.46 -21.06 2.52
C THR A 8 17.32 -20.45 1.69
N LEU A 9 17.66 -19.98 0.50
CA LEU A 9 16.68 -19.36 -0.39
C LEU A 9 15.98 -20.42 -1.22
N LYS A 10 14.65 -20.30 -1.30
CA LYS A 10 13.81 -21.30 -1.92
C LYS A 10 12.88 -20.66 -2.94
N ASP A 11 11.59 -20.98 -2.88
CA ASP A 11 10.63 -20.58 -3.92
C ASP A 11 10.56 -19.08 -4.10
N GLU A 12 10.33 -18.66 -5.33
CA GLU A 12 10.11 -17.27 -5.64
C GLU A 12 8.66 -16.95 -5.33
N ILE A 13 8.44 -15.93 -4.51
CA ILE A 13 7.10 -15.54 -4.07
C ILE A 13 6.62 -14.22 -4.65
N GLY A 14 7.50 -13.52 -5.35
CA GLY A 14 7.17 -12.25 -5.96
C GLY A 14 8.22 -11.83 -6.97
N LYS A 15 7.81 -10.93 -7.85
CA LYS A 15 8.76 -10.24 -8.73
C LYS A 15 8.17 -8.91 -9.17
N GLY A 16 9.05 -8.03 -9.60
CA GLY A 16 8.62 -6.73 -10.08
C GLY A 16 9.80 -5.98 -10.62
N SER A 17 9.58 -4.68 -10.87
CA SER A 17 10.66 -3.83 -11.38
C SER A 17 11.79 -3.79 -10.36
N TYR A 18 11.42 -3.77 -9.08
CA TYR A 18 12.37 -3.84 -7.95
C TYR A 18 13.37 -4.99 -8.02
N GLY A 19 12.96 -6.15 -8.57
CA GLY A 19 13.76 -7.40 -8.57
C GLY A 19 12.85 -8.60 -8.29
N VAL A 20 13.22 -9.44 -7.31
CA VAL A 20 12.40 -10.63 -6.95
C VAL A 20 12.35 -10.82 -5.43
N VAL A 21 11.40 -11.64 -4.99
CA VAL A 21 11.27 -11.97 -3.54
C VAL A 21 11.33 -13.45 -3.42
N LYS A 22 12.21 -13.94 -2.55
CA LYS A 22 12.35 -15.36 -2.26
C LYS A 22 11.88 -15.71 -0.86
N LEU A 23 11.27 -16.89 -0.74
CA LEU A 23 11.08 -17.51 0.54
C LEU A 23 12.48 -17.88 1.06
N ALA A 24 12.77 -17.51 2.31
CA ALA A 24 14.11 -17.68 2.88
C ALA A 24 14.04 -18.37 4.22
N TYR A 25 14.68 -19.53 4.36
CA TYR A 25 14.63 -20.26 5.62
C TYR A 25 15.89 -19.95 6.42
N ASN A 26 15.72 -19.34 7.57
CA ASN A 26 16.84 -19.00 8.44
C ASN A 26 17.23 -20.26 9.23
N GLU A 27 18.43 -20.74 8.94
CA GLU A 27 18.93 -21.98 9.55
C GLU A 27 19.28 -21.84 11.05
N ASN A 28 19.57 -20.61 11.49
CA ASN A 28 19.87 -20.32 12.90
C ASN A 28 18.64 -20.41 13.81
N ASP A 29 17.49 -19.90 13.36
CA ASP A 29 16.26 -19.86 14.17
C ASP A 29 15.09 -20.72 13.65
N ASN A 30 15.38 -21.54 12.63
CA ASN A 30 14.42 -22.45 12.04
C ASN A 30 13.08 -21.80 11.66
N THR A 31 13.17 -20.60 11.09
CA THR A 31 12.00 -19.80 10.77
C THR A 31 12.12 -19.29 9.32
N TYR A 32 10.98 -19.20 8.65
CA TYR A 32 10.89 -18.69 7.28
C TYR A 32 10.72 -17.18 7.33
N TYR A 33 11.35 -16.51 6.37
CA TYR A 33 11.28 -15.06 6.15
C TYR A 33 11.02 -14.81 4.66
N ALA A 34 10.74 -13.55 4.31
CA ALA A 34 10.61 -13.11 2.92
C ALA A 34 11.80 -12.22 2.59
N MET A 35 12.59 -12.63 1.57
CA MET A 35 13.77 -11.88 1.18
C MET A 35 13.61 -11.23 -0.19
N LYS A 36 13.55 -9.89 -0.19
CA LYS A 36 13.47 -9.12 -1.41
C LYS A 36 14.91 -8.93 -1.90
N VAL A 37 15.15 -9.26 -3.17
CA VAL A 37 16.49 -9.20 -3.78
C VAL A 37 16.45 -8.13 -4.87
N LEU A 38 17.27 -7.11 -4.74
CA LEU A 38 17.32 -5.99 -5.68
C LEU A 38 18.69 -5.93 -6.32
N SER A 39 18.74 -5.63 -7.62
CA SER A 39 20.01 -5.42 -8.32
C SER A 39 20.25 -3.91 -8.48
N LYS A 40 21.38 -3.44 -7.96
CA LYS A 40 21.72 -2.03 -8.07
C LYS A 40 21.88 -1.59 -9.52
N LYS A 41 22.52 -2.41 -10.36
CA LYS A 41 22.68 -2.08 -11.79
C LYS A 41 21.33 -2.02 -12.53
N LYS A 42 20.39 -2.94 -12.23
CA LYS A 42 19.03 -2.90 -12.81
C LYS A 42 18.20 -1.72 -12.34
N LEU A 43 18.36 -1.32 -11.07
CA LEU A 43 17.65 -0.15 -10.54
C LEU A 43 18.06 1.14 -11.24
N ILE A 44 19.36 1.35 -11.45
CA ILE A 44 19.85 2.45 -12.31
C ILE A 44 19.18 2.40 -13.71
N ARG A 45 18.97 1.17 -14.19
CA ARG A 45 18.32 0.89 -15.45
C ARG A 45 19.35 0.70 -16.55
N GLY A 64 2.73 17.38 -11.39
CA GLY A 64 3.59 16.68 -10.43
C GLY A 64 4.72 15.79 -10.92
N CYS A 65 5.26 16.13 -12.08
CA CYS A 65 6.39 15.35 -12.60
C CYS A 65 7.71 15.96 -12.13
N ILE A 66 7.95 15.92 -10.82
CA ILE A 66 9.23 16.43 -10.25
C ILE A 66 10.36 15.39 -10.55
N GLN A 67 11.65 15.79 -10.51
CA GLN A 67 12.80 14.84 -10.72
C GLN A 67 13.03 14.27 -9.34
N PRO A 68 12.72 13.01 -9.12
CA PRO A 68 12.89 12.45 -7.80
C PRO A 68 14.36 12.14 -7.54
N ARG A 69 14.68 11.73 -6.31
CA ARG A 69 16.05 11.26 -6.02
C ARG A 69 16.31 9.95 -6.79
N GLY A 70 17.56 9.54 -6.91
CA GLY A 70 17.88 8.31 -7.67
C GLY A 70 17.32 7.00 -7.11
N PRO A 71 17.35 5.93 -7.92
CA PRO A 71 16.60 4.71 -7.60
C PRO A 71 17.12 3.94 -6.40
N ILE A 72 18.44 3.80 -6.31
CA ILE A 72 19.07 3.18 -5.13
C ILE A 72 18.78 4.03 -3.89
N GLU A 73 18.79 5.34 -4.06
CA GLU A 73 18.54 6.29 -2.97
C GLU A 73 17.08 6.21 -2.44
N GLN A 74 16.13 6.03 -3.35
CA GLN A 74 14.73 5.74 -2.99
C GLN A 74 14.63 4.48 -2.13
N VAL A 75 15.38 3.45 -2.51
CA VAL A 75 15.36 2.19 -1.75
C VAL A 75 15.85 2.44 -0.33
N TYR A 76 16.90 3.25 -0.16
CA TYR A 76 17.39 3.54 1.18
C TYR A 76 16.39 4.37 2.02
N GLN A 77 15.61 5.23 1.36
CA GLN A 77 14.53 5.96 2.01
C GLN A 77 13.46 4.98 2.49
N GLU A 78 13.12 4.01 1.63
CA GLU A 78 12.15 2.97 2.00
C GLU A 78 12.63 2.22 3.23
N ILE A 79 13.89 1.82 3.22
CA ILE A 79 14.51 1.11 4.36
C ILE A 79 14.45 1.95 5.62
N ALA A 80 14.79 3.23 5.50
CA ALA A 80 14.79 4.11 6.68
C ALA A 80 13.40 4.20 7.30
N ILE A 81 12.37 4.24 6.45
CA ILE A 81 10.99 4.29 6.93
C ILE A 81 10.62 2.97 7.62
N LEU A 82 10.91 1.86 6.95
CA LEU A 82 10.61 0.51 7.50
C LEU A 82 11.23 0.28 8.88
N LYS A 83 12.43 0.80 9.08
CA LYS A 83 13.13 0.66 10.37
C LYS A 83 12.42 1.36 11.54
N LYS A 84 11.57 2.37 11.26
CA LYS A 84 10.82 3.06 12.31
C LYS A 84 9.52 2.36 12.73
N LEU A 85 9.09 1.30 12.03
CA LEU A 85 7.73 0.81 12.15
C LEU A 85 7.64 -0.52 12.87
N ASP A 86 6.82 -0.54 13.91
CA ASP A 86 6.60 -1.75 14.71
C ASP A 86 5.14 -1.77 15.16
N HIS A 87 4.32 -2.45 14.39
CA HIS A 87 2.90 -2.47 14.61
C HIS A 87 2.33 -3.76 14.03
N PRO A 88 1.35 -4.38 14.71
CA PRO A 88 0.80 -5.64 14.19
C PRO A 88 0.15 -5.60 12.80
N ASN A 89 -0.27 -4.44 12.31
CA ASN A 89 -0.87 -4.30 10.97
C ASN A 89 0.09 -3.62 9.96
N VAL A 90 1.38 -3.68 10.25
CA VAL A 90 2.42 -3.24 9.34
C VAL A 90 3.50 -4.30 9.24
N VAL A 91 4.08 -4.47 8.05
CA VAL A 91 5.19 -5.42 7.88
C VAL A 91 6.43 -5.08 8.68
N LYS A 92 7.26 -6.09 8.91
CA LYS A 92 8.45 -5.93 9.73
C LYS A 92 9.73 -6.30 9.00
N LEU A 93 10.55 -5.28 8.72
CA LEU A 93 11.87 -5.50 8.15
C LEU A 93 12.78 -5.96 9.28
N VAL A 94 13.53 -7.04 9.08
CA VAL A 94 14.41 -7.59 10.12
C VAL A 94 15.90 -7.43 9.85
N GLU A 95 16.31 -7.45 8.58
CA GLU A 95 17.73 -7.40 8.19
C GLU A 95 17.88 -6.77 6.81
N VAL A 96 18.95 -6.01 6.61
CA VAL A 96 19.37 -5.53 5.29
C VAL A 96 20.80 -5.97 5.07
N LEU A 97 21.05 -6.63 3.95
CA LEU A 97 22.39 -7.03 3.56
C LEU A 97 22.79 -6.24 2.34
N ASP A 98 23.83 -5.42 2.48
CA ASP A 98 24.26 -4.49 1.44
C ASP A 98 25.79 -4.34 1.42
N ASP A 99 26.44 -5.32 0.84
CA ASP A 99 27.89 -5.29 0.65
C ASP A 99 28.23 -4.23 -0.42
N PRO A 100 29.13 -3.26 -0.10
CA PRO A 100 29.46 -2.23 -1.11
C PRO A 100 30.06 -2.77 -2.41
N ASN A 101 30.64 -3.97 -2.37
CA ASN A 101 31.30 -4.57 -3.54
C ASN A 101 30.43 -5.56 -4.32
N GLU A 102 29.13 -5.63 -3.98
CA GLU A 102 28.20 -6.52 -4.67
C GLU A 102 27.05 -5.74 -5.30
N ASP A 103 26.55 -6.28 -6.39
CA ASP A 103 25.45 -5.64 -7.11
C ASP A 103 24.12 -5.76 -6.34
N HIS A 104 23.94 -6.85 -5.60
CA HIS A 104 22.66 -7.11 -4.94
C HIS A 104 22.52 -6.47 -3.56
N LEU A 105 21.29 -6.07 -3.23
CA LEU A 105 20.88 -5.57 -1.92
C LEU A 105 19.73 -6.51 -1.52
N TYR A 106 19.73 -6.96 -0.27
CA TYR A 106 18.76 -7.91 0.21
C TYR A 106 18.00 -7.28 1.39
N MET A 107 16.67 -7.34 1.33
CA MET A 107 15.84 -6.86 2.41
C MET A 107 15.03 -8.02 2.93
N VAL A 108 15.30 -8.39 4.18
CA VAL A 108 14.68 -9.51 4.85
C VAL A 108 13.54 -9.06 5.75
N PHE A 109 12.35 -9.56 5.47
CA PHE A 109 11.15 -9.29 6.25
C PHE A 109 10.63 -10.54 6.96
N GLU A 110 9.95 -10.35 8.09
CA GLU A 110 9.10 -11.40 8.66
C GLU A 110 8.09 -11.87 7.62
N LEU A 111 7.93 -13.18 7.51
CA LEU A 111 7.03 -13.74 6.51
C LEU A 111 5.60 -13.44 6.95
N VAL A 112 4.73 -13.19 5.98
CA VAL A 112 3.30 -12.97 6.22
C VAL A 112 2.63 -14.03 5.37
N ASN A 113 2.29 -15.12 6.10
CA ASN A 113 2.02 -16.49 5.64
C ASN A 113 1.12 -16.67 4.43
N GLN A 114 0.04 -15.91 4.41
CA GLN A 114 -1.04 -16.15 3.49
C GLN A 114 -1.02 -15.21 2.30
N GLY A 115 -0.01 -14.34 2.22
CA GLY A 115 0.18 -13.52 1.06
C GLY A 115 -0.86 -12.42 0.93
N PRO A 116 -0.90 -11.75 -0.24
CA PRO A 116 -1.85 -10.65 -0.49
C PRO A 116 -3.27 -11.07 -0.33
N VAL A 117 -4.09 -10.18 0.22
CA VAL A 117 -5.47 -10.52 0.53
C VAL A 117 -6.28 -10.81 -0.73
N MET A 118 -6.00 -10.06 -1.80
CA MET A 118 -6.59 -10.30 -3.10
C MET A 118 -5.82 -9.61 -4.19
N GLU A 119 -6.01 -10.11 -5.41
CA GLU A 119 -5.64 -9.44 -6.64
C GLU A 119 -6.93 -8.81 -7.17
N VAL A 120 -6.79 -7.63 -7.74
CA VAL A 120 -7.89 -6.94 -8.40
C VAL A 120 -7.45 -6.87 -9.86
N PRO A 121 -8.31 -7.12 -10.83
CA PRO A 121 -9.71 -7.51 -10.64
C PRO A 121 -9.85 -8.98 -10.27
N THR A 122 -10.93 -9.30 -9.58
CA THR A 122 -11.25 -10.68 -9.23
C THR A 122 -12.75 -10.90 -9.40
N LEU A 123 -13.11 -12.13 -9.73
CA LEU A 123 -14.50 -12.56 -9.77
C LEU A 123 -14.96 -13.05 -8.39
N LYS A 124 -14.06 -12.96 -7.39
CA LYS A 124 -14.25 -13.49 -6.06
C LYS A 124 -14.02 -12.37 -5.03
N PRO A 125 -14.98 -11.41 -4.94
CA PRO A 125 -14.90 -10.35 -3.95
C PRO A 125 -15.11 -10.89 -2.54
N LEU A 126 -14.79 -10.07 -1.55
CA LEU A 126 -14.96 -10.45 -0.17
C LEU A 126 -16.38 -10.19 0.22
N SER A 127 -16.86 -10.95 1.21
CA SER A 127 -18.12 -10.64 1.85
C SER A 127 -18.02 -9.32 2.60
N GLU A 128 -19.17 -8.72 2.88
CA GLU A 128 -19.19 -7.49 3.61
C GLU A 128 -18.53 -7.64 5.01
N ASP A 129 -18.80 -8.76 5.70
CA ASP A 129 -18.22 -8.98 7.02
C ASP A 129 -16.72 -9.23 6.98
N GLN A 130 -16.26 -9.94 5.96
CA GLN A 130 -14.82 -10.16 5.81
C GLN A 130 -14.11 -8.84 5.46
N ALA A 131 -14.73 -8.07 4.57
CA ALA A 131 -14.23 -6.72 4.26
C ALA A 131 -14.15 -5.80 5.49
N ARG A 132 -15.15 -5.84 6.38
CA ARG A 132 -15.13 -5.01 7.58
C ARG A 132 -13.96 -5.37 8.48
N PHE A 133 -13.76 -6.69 8.66
CA PHE A 133 -12.68 -7.22 9.45
C PHE A 133 -11.33 -6.72 8.96
N TYR A 134 -11.08 -6.85 7.65
CA TYR A 134 -9.82 -6.35 7.08
C TYR A 134 -9.75 -4.84 7.08
N PHE A 135 -10.86 -4.17 6.88
CA PHE A 135 -10.89 -2.70 6.86
C PHE A 135 -10.55 -2.13 8.24
N GLN A 136 -10.98 -2.82 9.28
CA GLN A 136 -10.60 -2.45 10.63
C GLN A 136 -9.09 -2.55 10.86
N ASP A 137 -8.46 -3.61 10.31
CA ASP A 137 -7.01 -3.75 10.40
C ASP A 137 -6.34 -2.60 9.62
N LEU A 138 -6.88 -2.31 8.44
CA LEU A 138 -6.34 -1.23 7.58
C LEU A 138 -6.41 0.13 8.31
N ILE A 139 -7.54 0.40 8.98
CA ILE A 139 -7.64 1.64 9.79
C ILE A 139 -6.56 1.70 10.85
N LYS A 140 -6.40 0.60 11.59
CA LYS A 140 -5.41 0.56 12.66
C LYS A 140 -3.97 0.75 12.13
N GLY A 141 -3.64 0.11 11.01
CA GLY A 141 -2.32 0.30 10.40
C GLY A 141 -2.10 1.72 9.88
N ILE A 142 -3.09 2.27 9.21
CA ILE A 142 -2.94 3.63 8.66
C ILE A 142 -2.84 4.67 9.79
N GLU A 143 -3.65 4.48 10.82
CA GLU A 143 -3.61 5.39 11.99
C GLU A 143 -2.21 5.39 12.60
N TYR A 144 -1.62 4.20 12.72
CA TYR A 144 -0.25 4.06 13.23
C TYR A 144 0.75 4.75 12.30
N LEU A 145 0.67 4.47 10.99
CA LEU A 145 1.60 5.12 10.02
C LEU A 145 1.52 6.62 10.09
N HIS A 146 0.32 7.16 10.06
CA HIS A 146 0.14 8.61 10.17
C HIS A 146 0.68 9.20 11.49
N TYR A 147 0.49 8.47 12.57
CA TYR A 147 1.06 8.85 13.85
C TYR A 147 2.61 8.93 13.78
N GLN A 148 3.20 7.94 13.13
CA GLN A 148 4.64 7.91 12.86
C GLN A 148 5.10 8.87 11.74
N LYS A 149 4.19 9.70 11.25
CA LYS A 149 4.46 10.68 10.21
C LYS A 149 4.95 10.04 8.91
N ILE A 150 4.25 9.00 8.50
CA ILE A 150 4.50 8.34 7.21
C ILE A 150 3.18 8.39 6.42
N ILE A 151 3.27 8.86 5.18
CA ILE A 151 2.19 8.76 4.21
C ILE A 151 2.54 7.54 3.34
N HIS A 152 1.64 6.57 3.29
CA HIS A 152 1.99 5.32 2.63
C HIS A 152 2.09 5.47 1.10
N ARG A 153 1.05 6.04 0.50
CA ARG A 153 0.95 6.41 -0.95
C ARG A 153 0.73 5.24 -1.91
N ASP A 154 0.62 4.03 -1.41
CA ASP A 154 0.30 2.89 -2.29
C ASP A 154 -0.56 1.83 -1.61
N ILE A 155 -1.58 2.31 -0.87
CA ILE A 155 -2.60 1.43 -0.30
C ILE A 155 -3.47 0.86 -1.44
N LYS A 156 -3.54 -0.48 -1.48
CA LYS A 156 -4.35 -1.23 -2.44
C LYS A 156 -4.38 -2.66 -1.93
N PRO A 157 -5.36 -3.45 -2.38
CA PRO A 157 -5.49 -4.82 -1.83
C PRO A 157 -4.25 -5.71 -1.93
N SER A 158 -3.54 -5.62 -3.04
CA SER A 158 -2.33 -6.46 -3.24
C SER A 158 -1.18 -6.10 -2.29
N ASN A 159 -1.25 -4.93 -1.64
CA ASN A 159 -0.24 -4.55 -0.66
C ASN A 159 -0.69 -4.79 0.75
N LEU A 160 -1.79 -5.53 0.94
CA LEU A 160 -2.27 -5.89 2.25
C LEU A 160 -2.15 -7.39 2.39
N LEU A 161 -1.26 -7.84 3.26
CA LEU A 161 -0.86 -9.24 3.34
C LEU A 161 -1.55 -9.88 4.53
N VAL A 162 -2.07 -11.10 4.35
CA VAL A 162 -2.77 -11.79 5.44
C VAL A 162 -1.79 -12.68 6.17
N GLY A 163 -1.68 -12.48 7.48
CA GLY A 163 -0.77 -13.22 8.32
C GLY A 163 -1.43 -14.48 8.88
N GLU A 164 -0.63 -15.27 9.56
CA GLU A 164 -1.12 -16.49 10.24
C GLU A 164 -2.26 -16.25 11.24
N ASP A 165 -2.36 -15.06 11.83
CA ASP A 165 -3.43 -14.74 12.76
C ASP A 165 -4.70 -14.24 12.07
N GLY A 166 -4.67 -14.21 10.74
CA GLY A 166 -5.77 -13.87 9.90
C GLY A 166 -5.93 -12.38 9.66
N HIS A 167 -5.07 -11.56 10.26
CA HIS A 167 -5.19 -10.10 10.12
C HIS A 167 -4.25 -9.60 9.03
N ILE A 168 -4.59 -8.46 8.46
CA ILE A 168 -3.74 -7.91 7.43
C ILE A 168 -2.60 -7.05 7.95
N LYS A 169 -1.52 -7.03 7.18
CA LYS A 169 -0.41 -6.13 7.40
C LYS A 169 -0.12 -5.33 6.11
N ILE A 170 0.12 -4.04 6.30
CA ILE A 170 0.39 -3.10 5.21
C ILE A 170 1.85 -3.28 4.82
N ALA A 171 2.05 -3.53 3.53
CA ALA A 171 3.36 -3.73 2.90
C ALA A 171 3.65 -2.67 1.87
N ASP A 172 4.87 -2.73 1.33
CA ASP A 172 5.33 -1.95 0.16
C ASP A 172 5.33 -0.44 0.41
N PHE A 173 6.39 -0.02 1.06
CA PHE A 173 6.63 1.39 1.39
C PHE A 173 7.50 2.04 0.34
N GLY A 174 7.53 1.49 -0.87
CA GLY A 174 8.43 1.95 -1.93
C GLY A 174 8.27 3.40 -2.34
N VAL A 175 7.08 3.97 -2.24
CA VAL A 175 6.88 5.41 -2.60
C VAL A 175 6.39 6.25 -1.40
N SER A 176 6.48 5.67 -0.21
CA SER A 176 6.01 6.33 1.02
C SER A 176 6.86 7.56 1.32
N ASN A 177 6.25 8.53 1.98
CA ASN A 177 6.90 9.77 2.36
C ASN A 177 6.92 9.92 3.88
N GLU A 178 8.02 10.41 4.43
CA GLU A 178 8.11 10.76 5.84
C GLU A 178 8.11 12.28 5.94
N PHE A 179 7.32 12.81 6.87
CA PHE A 179 7.19 14.25 7.06
C PHE A 179 7.42 14.64 8.52
N LYS A 180 7.58 15.94 8.74
CA LYS A 180 7.57 16.53 10.06
C LYS A 180 6.37 17.51 10.09
N GLY A 181 5.82 17.73 11.26
CA GLY A 181 4.61 18.56 11.35
C GLY A 181 3.33 17.77 11.27
N SER A 182 2.21 18.45 11.02
CA SER A 182 0.92 17.81 11.18
C SER A 182 0.52 16.96 9.96
N ASP A 183 1.06 17.27 8.79
CA ASP A 183 0.77 16.52 7.55
C ASP A 183 1.91 16.80 6.53
N ALA A 184 2.00 15.96 5.51
CA ALA A 184 3.00 16.16 4.44
C ALA A 184 2.48 17.20 3.43
N LEU A 185 3.41 17.90 2.81
CA LEU A 185 3.14 18.84 1.72
C LEU A 185 3.78 18.27 0.47
N LEU A 186 2.97 17.70 -0.42
CA LEU A 186 3.48 16.85 -1.50
C LEU A 186 3.22 17.44 -2.86
N SER A 187 4.14 17.17 -3.78
CA SER A 187 4.00 17.59 -5.18
C SER A 187 4.16 16.51 -6.21
N ASN A 188 4.70 15.34 -5.83
CA ASN A 188 5.06 14.27 -6.78
C ASN A 188 3.84 13.37 -6.97
N THR A 189 3.59 12.98 -8.21
CA THR A 189 2.47 12.11 -8.53
C THR A 189 2.98 10.68 -8.63
N VAL A 190 2.91 9.96 -7.52
CA VAL A 190 3.36 8.58 -7.41
C VAL A 190 2.25 7.72 -6.88
N GLY A 191 2.41 6.40 -7.01
CA GLY A 191 1.45 5.40 -6.51
C GLY A 191 0.92 4.58 -7.68
N THR A 192 -0.18 3.88 -7.42
CA THR A 192 -0.84 3.04 -8.44
C THR A 192 -1.98 3.86 -9.01
N PRO A 193 -2.00 4.05 -10.35
CA PRO A 193 -2.97 4.99 -10.93
C PRO A 193 -4.43 4.87 -10.47
N ALA A 194 -4.94 3.64 -10.45
CA ALA A 194 -6.32 3.43 -10.04
C ALA A 194 -6.64 3.87 -8.62
N PHE A 195 -5.61 4.03 -7.78
CA PHE A 195 -5.75 4.39 -6.36
C PHE A 195 -5.32 5.84 -6.03
N MET A 196 -4.92 6.60 -7.04
CA MET A 196 -4.41 7.95 -6.80
C MET A 196 -5.58 8.91 -6.68
N ALA A 197 -5.45 9.87 -5.77
CA ALA A 197 -6.53 10.81 -5.46
C ALA A 197 -6.55 11.90 -6.51
N PRO A 198 -7.72 12.45 -6.81
CA PRO A 198 -7.83 13.46 -7.88
C PRO A 198 -6.95 14.69 -7.72
N GLU A 199 -6.72 15.12 -6.50
CA GLU A 199 -5.89 16.30 -6.21
C GLU A 199 -4.43 16.07 -6.58
N SER A 200 -4.01 14.82 -6.68
CA SER A 200 -2.64 14.50 -7.12
C SER A 200 -2.47 14.46 -8.64
N LEU A 201 -3.56 14.65 -9.39
CA LEU A 201 -3.61 14.36 -10.83
C LEU A 201 -3.75 15.57 -11.72
N SER A 202 -3.70 16.77 -11.14
CA SER A 202 -3.70 17.98 -11.95
C SER A 202 -2.49 18.05 -12.90
N GLU A 203 -2.73 18.51 -14.13
CA GLU A 203 -1.67 18.84 -15.09
C GLU A 203 -0.85 20.02 -14.58
N THR A 204 -1.54 20.99 -13.97
CA THR A 204 -0.88 22.11 -13.30
C THR A 204 -0.02 21.60 -12.12
N ARG A 205 1.19 22.14 -11.96
CA ARG A 205 2.02 21.86 -10.79
C ARG A 205 1.31 22.40 -9.57
N LYS A 206 0.99 21.55 -8.59
CA LYS A 206 0.37 22.01 -7.36
C LYS A 206 0.78 21.22 -6.11
N ILE A 207 0.25 21.63 -4.96
CA ILE A 207 0.67 21.10 -3.66
C ILE A 207 -0.54 20.51 -3.00
N PHE A 208 -0.40 19.30 -2.46
CA PHE A 208 -1.50 18.62 -1.80
C PHE A 208 -1.03 17.94 -0.51
N SER A 209 -1.96 17.74 0.40
CA SER A 209 -1.64 17.16 1.71
C SER A 209 -1.62 15.63 1.62
N GLY A 210 -0.89 14.97 2.50
CA GLY A 210 -0.64 13.54 2.33
C GLY A 210 -1.70 12.63 2.93
N LYS A 211 -2.20 12.93 4.13
CA LYS A 211 -3.08 11.99 4.85
C LYS A 211 -4.34 11.67 4.02
N ALA A 212 -4.91 12.69 3.39
CA ALA A 212 -6.09 12.49 2.55
C ALA A 212 -5.84 11.61 1.33
N LEU A 213 -4.62 11.60 0.82
CA LEU A 213 -4.28 10.66 -0.25
C LEU A 213 -4.47 9.22 0.21
N ASP A 214 -3.99 8.89 1.39
CA ASP A 214 -4.16 7.56 1.95
C ASP A 214 -5.65 7.24 2.18
N VAL A 215 -6.44 8.21 2.67
CA VAL A 215 -7.88 7.96 2.86
C VAL A 215 -8.56 7.63 1.55
N TRP A 216 -8.28 8.39 0.51
CA TRP A 216 -8.82 8.11 -0.83
C TRP A 216 -8.47 6.68 -1.23
N ALA A 217 -7.20 6.32 -1.12
CA ALA A 217 -6.76 4.96 -1.48
C ALA A 217 -7.42 3.85 -0.64
N MET A 218 -7.67 4.14 0.64
CA MET A 218 -8.48 3.26 1.50
C MET A 218 -9.92 3.05 0.99
N GLY A 219 -10.49 4.13 0.47
CA GLY A 219 -11.82 4.11 -0.07
C GLY A 219 -11.92 3.30 -1.33
N VAL A 220 -10.94 3.48 -2.23
CA VAL A 220 -10.86 2.65 -3.45
C VAL A 220 -10.70 1.17 -3.06
N THR A 221 -9.82 0.93 -2.08
CA THR A 221 -9.53 -0.40 -1.58
C THR A 221 -10.78 -1.08 -1.04
N LEU A 222 -11.57 -0.33 -0.27
CA LEU A 222 -12.77 -0.88 0.35
C LEU A 222 -13.80 -1.22 -0.73
N TYR A 223 -13.95 -0.31 -1.70
CA TYR A 223 -14.80 -0.62 -2.88
C TYR A 223 -14.33 -1.90 -3.58
N CYS A 224 -13.01 -2.01 -3.84
CA CYS A 224 -12.46 -3.24 -4.42
C CYS A 224 -12.76 -4.50 -3.60
N PHE A 225 -12.64 -4.38 -2.27
CA PHE A 225 -12.93 -5.52 -1.38
C PHE A 225 -14.29 -6.12 -1.68
N VAL A 226 -15.30 -5.29 -1.73
CA VAL A 226 -16.65 -5.79 -1.83
C VAL A 226 -17.16 -6.00 -3.24
N PHE A 227 -16.56 -5.35 -4.24
CA PHE A 227 -16.97 -5.55 -5.65
C PHE A 227 -16.00 -6.31 -6.52
N GLY A 228 -14.77 -6.46 -6.07
CA GLY A 228 -13.76 -7.16 -6.82
C GLY A 228 -13.18 -6.36 -7.98
N GLN A 229 -13.69 -5.14 -8.19
CA GLN A 229 -13.23 -4.24 -9.22
C GLN A 229 -13.22 -2.82 -8.63
N CYS A 230 -12.26 -2.02 -9.08
CA CYS A 230 -12.13 -0.61 -8.70
C CYS A 230 -13.30 0.26 -9.16
N PRO A 231 -13.55 1.39 -8.48
CA PRO A 231 -14.62 2.32 -8.84
C PRO A 231 -14.34 3.10 -10.14
N PHE A 232 -13.07 3.32 -10.45
CA PHE A 232 -12.63 3.98 -11.69
C PHE A 232 -11.68 3.02 -12.37
N MET A 233 -12.04 2.58 -13.57
CA MET A 233 -11.25 1.60 -14.30
C MET A 233 -11.08 2.01 -15.75
N ASP A 234 -9.85 1.90 -16.24
CA ASP A 234 -9.57 2.04 -17.69
C ASP A 234 -8.17 1.52 -17.92
N GLU A 235 -8.00 0.60 -18.88
CA GLU A 235 -6.64 0.17 -19.30
C GLU A 235 -5.79 1.31 -19.87
N ARG A 236 -6.42 2.39 -20.31
CA ARG A 236 -5.68 3.58 -20.76
C ARG A 236 -5.44 4.52 -19.60
N ILE A 237 -4.19 4.69 -19.19
CA ILE A 237 -3.91 5.37 -17.91
C ILE A 237 -4.36 6.84 -17.92
N MET A 238 -4.21 7.49 -19.07
CA MET A 238 -4.64 8.88 -19.26
C MET A 238 -6.14 9.04 -19.09
N CYS A 239 -6.88 8.04 -19.58
CA CYS A 239 -8.35 8.06 -19.47
C CYS A 239 -8.75 7.73 -18.04
N LEU A 240 -8.01 6.86 -17.38
CA LEU A 240 -8.23 6.52 -15.96
C LEU A 240 -8.10 7.76 -15.11
N HIS A 241 -7.02 8.51 -15.31
CA HIS A 241 -6.84 9.75 -14.55
C HIS A 241 -7.99 10.73 -14.73
N SER A 242 -8.47 10.85 -15.97
CA SER A 242 -9.64 11.70 -16.27
C SER A 242 -10.92 11.23 -15.54
N LYS A 243 -11.17 9.92 -15.49
CA LYS A 243 -12.32 9.38 -14.79
C LYS A 243 -12.23 9.69 -13.28
N ILE A 244 -11.04 9.53 -12.71
CA ILE A 244 -10.86 9.83 -11.27
C ILE A 244 -11.19 11.30 -10.95
N LYS A 245 -10.77 12.21 -11.82
CA LYS A 245 -11.02 13.64 -11.60
C LYS A 245 -12.45 14.10 -11.89
N SER A 246 -13.15 13.45 -12.81
CA SER A 246 -14.39 14.01 -13.39
C SER A 246 -15.65 13.13 -13.29
N GLN A 247 -15.48 11.82 -13.18
CA GLN A 247 -16.59 10.88 -13.15
C GLN A 247 -17.16 10.73 -11.73
N ALA A 248 -18.48 10.86 -11.59
CA ALA A 248 -19.14 10.59 -10.32
C ALA A 248 -18.91 9.13 -9.93
N LEU A 249 -18.73 8.89 -8.64
CA LEU A 249 -18.68 7.53 -8.09
C LEU A 249 -20.02 6.85 -8.38
N GLU A 250 -19.98 5.62 -8.90
CA GLU A 250 -21.20 4.83 -9.12
C GLU A 250 -21.00 3.47 -8.47
N PHE A 251 -22.08 2.89 -7.98
CA PHE A 251 -22.06 1.52 -7.45
C PHE A 251 -22.82 0.62 -8.43
N PRO A 252 -22.31 -0.61 -8.70
CA PRO A 252 -23.14 -1.56 -9.47
C PRO A 252 -24.44 -1.93 -8.75
N ASP A 253 -25.36 -2.59 -9.45
CA ASP A 253 -26.59 -3.11 -8.82
C ASP A 253 -26.26 -4.33 -7.91
N GLN A 254 -25.30 -5.15 -8.35
CA GLN A 254 -24.71 -6.22 -7.56
C GLN A 254 -23.19 -6.11 -7.60
N ASP A 256 -25.29 -6.14 -3.98
CA ASP A 256 -26.08 -5.09 -3.33
C ASP A 256 -25.68 -4.91 -1.86
N ILE A 257 -25.01 -3.79 -1.59
CA ILE A 257 -24.40 -3.55 -0.28
C ILE A 257 -25.22 -2.62 0.62
N ALA A 258 -24.93 -2.68 1.92
CA ALA A 258 -25.61 -1.88 2.90
C ALA A 258 -25.39 -0.40 2.65
N GLU A 259 -26.38 0.39 3.04
CA GLU A 259 -26.35 1.82 2.80
C GLU A 259 -25.31 2.53 3.65
N ASP A 260 -25.06 2.01 4.85
CA ASP A 260 -24.00 2.60 5.67
C ASP A 260 -22.61 2.38 5.01
N LEU A 261 -22.41 1.25 4.34
CA LEU A 261 -21.17 1.01 3.59
C LEU A 261 -21.04 1.97 2.41
N LYS A 262 -22.12 2.14 1.64
CA LYS A 262 -22.11 3.11 0.54
C LYS A 262 -21.80 4.52 1.02
N ASP A 263 -22.35 4.90 2.17
CA ASP A 263 -22.08 6.22 2.74
C ASP A 263 -20.58 6.39 3.05
N LEU A 264 -20.00 5.38 3.72
CA LEU A 264 -18.59 5.44 4.11
C LEU A 264 -17.67 5.52 2.89
N ILE A 265 -17.90 4.67 1.90
CA ILE A 265 -17.11 4.71 0.65
C ILE A 265 -17.27 6.07 -0.04
N THR A 266 -18.49 6.55 -0.10
CA THR A 266 -18.80 7.84 -0.71
C THR A 266 -18.03 8.99 -0.07
N ARG A 267 -17.94 8.95 1.25
CA ARG A 267 -17.24 9.97 2.01
C ARG A 267 -15.72 9.87 1.87
N MET A 268 -15.19 8.64 1.78
CA MET A 268 -13.77 8.49 1.50
C MET A 268 -13.40 8.89 0.06
N LEU A 269 -14.34 8.75 -0.87
CA LEU A 269 -14.13 9.07 -2.29
C LEU A 269 -14.71 10.43 -2.71
N ASP A 270 -14.76 11.33 -1.74
CA ASP A 270 -14.96 12.73 -1.98
C ASP A 270 -13.78 13.28 -2.74
N LYS A 271 -14.04 13.87 -3.91
CA LYS A 271 -12.99 14.37 -4.77
C LYS A 271 -12.25 15.57 -4.18
N ASN A 272 -12.91 16.31 -3.28
CA ASN A 272 -12.27 17.42 -2.59
C ASN A 272 -11.62 16.96 -1.28
N PRO A 273 -10.29 17.03 -1.19
CA PRO A 273 -9.60 16.60 0.04
C PRO A 273 -9.92 17.46 1.26
N GLU A 274 -10.40 18.68 1.04
CA GLU A 274 -10.83 19.52 2.18
C GLU A 274 -12.06 18.97 2.90
N SER A 275 -12.97 18.31 2.18
CA SER A 275 -14.19 17.75 2.79
C SER A 275 -14.16 16.23 2.93
N ARG A 276 -13.12 15.58 2.42
CA ARG A 276 -13.02 14.14 2.56
C ARG A 276 -12.94 13.73 4.02
N ILE A 277 -13.62 12.65 4.37
CA ILE A 277 -13.63 12.10 5.70
C ILE A 277 -12.19 11.83 6.19
N VAL A 278 -11.93 12.15 7.46
CA VAL A 278 -10.62 11.89 8.09
C VAL A 278 -10.63 10.64 8.96
N VAL A 279 -9.44 10.11 9.24
CA VAL A 279 -9.33 8.82 9.94
C VAL A 279 -10.05 8.78 11.31
N PRO A 280 -9.90 9.84 12.14
CA PRO A 280 -10.68 9.86 13.39
C PRO A 280 -12.18 9.69 13.16
N GLU A 281 -12.72 10.22 12.06
CA GLU A 281 -14.14 10.07 11.77
C GLU A 281 -14.45 8.72 11.22
N ILE A 282 -13.53 8.14 10.41
CA ILE A 282 -13.74 6.80 9.91
C ILE A 282 -13.88 5.81 11.08
N LYS A 283 -13.04 5.96 12.10
CA LYS A 283 -13.12 5.11 13.28
C LYS A 283 -14.49 5.18 13.96
N LEU A 284 -15.17 6.32 13.83
CA LEU A 284 -16.48 6.52 14.44
C LEU A 284 -17.66 6.24 13.49
N HIS A 285 -17.39 5.79 12.26
CA HIS A 285 -18.47 5.56 11.32
C HIS A 285 -19.32 4.31 11.68
N PRO A 286 -20.67 4.38 11.57
CA PRO A 286 -21.56 3.23 11.88
C PRO A 286 -21.19 1.87 11.30
N TRP A 287 -20.78 1.84 10.03
CA TRP A 287 -20.36 0.60 9.37
C TRP A 287 -19.14 -0.03 10.02
N VAL A 288 -18.22 0.81 10.48
CA VAL A 288 -16.98 0.35 11.11
C VAL A 288 -17.22 -0.19 12.53
N THR A 289 -18.06 0.49 13.31
CA THR A 289 -18.26 0.15 14.71
C THR A 289 -19.29 -0.98 14.93
N ARG A 290 -20.11 -1.27 13.92
CA ARG A 290 -20.97 -2.46 13.94
C ARG A 290 -20.20 -3.65 13.39
N1 R78 B . 5.43 -12.41 3.35
N3 R78 B . 5.87 -9.40 0.51
C4 R78 B . 5.89 -11.23 3.73
C5 R78 B . 6.55 -8.14 0.87
C6 R78 B . 6.65 -7.85 2.35
C7 R78 B . 4.10 -14.29 0.51
C8 R78 B . 5.47 -9.48 -0.94
C10 R78 B . 8.93 -9.09 0.87
C13 R78 B . 3.92 -10.15 -2.65
C15 R78 B . 6.09 -10.64 -1.73
C17 R78 B . 3.50 -16.29 -0.67
C20 R78 B . 3.86 -13.53 -0.64
C21 R78 B . 2.82 -16.25 -3.05
C22 R78 B . 2.94 -16.27 -5.53
C24 R78 B . 2.55 -15.59 -7.92
C28 R78 B . 3.74 -17.65 -7.48
O2 R78 B . 2.17 -17.29 -2.99
N6 R78 B . 3.30 -15.75 -4.21
C29 R78 B . 3.99 -17.24 -6.02
N7 R78 B . 3.64 -16.47 -8.35
C30 R78 B . 3.45 -16.87 -9.78
C23 R78 B . 2.77 -15.11 -6.50
C18 R78 B . 3.23 -15.53 -1.81
C16 R78 B . 3.92 -15.67 0.49
O3 R78 B . 4.20 -16.32 1.67
C31 R78 B . 4.14 -17.75 1.72
C19 R78 B . 3.43 -14.16 -1.79
N5 R78 B . 4.58 -13.77 1.73
C1 R78 B . 5.10 -12.56 2.05
N2 R78 B . 5.21 -11.61 1.11
C2 R78 B . 5.70 -10.41 1.47
C14 R78 B . 5.32 -10.61 -3.02
C12 R78 B . 3.98 -9.68 -1.20
C9 R78 B . 7.98 -8.07 0.30
O1 R78 B . 6.85 -6.70 2.74
N4 R78 B . 6.52 -8.89 3.22
C11 R78 B . 6.75 -8.64 4.65
C3 R78 B . 6.06 -10.18 2.81
C ACT C . -3.00 12.18 17.53
O ACT C . -3.76 11.74 18.42
OXT ACT C . -2.95 11.68 16.40
CH3 ACT C . -2.15 13.37 17.83
C ACT D . 6.50 14.63 -2.87
O ACT D . 6.55 15.88 -3.01
OXT ACT D . 5.53 13.99 -3.36
CH3 ACT D . 7.58 13.92 -2.11
C ACT E . 9.22 -25.60 0.25
O ACT E . 8.21 -26.28 0.02
OXT ACT E . 10.03 -25.28 -0.65
CH3 ACT E . 9.48 -25.15 1.66
#